data_7E2A
#
_entry.id   7E2A
#
_cell.length_a   46.890
_cell.length_b   69.600
_cell.length_c   89.870
_cell.angle_alpha   90.000
_cell.angle_beta   90.000
_cell.angle_gamma   90.000
#
_symmetry.space_group_name_H-M   'P 21 21 21'
#
loop_
_entity.id
_entity.type
_entity.pdbx_description
1 polymer 'Glycerophosphodiester phosphodiesterase'
2 water water
#
_entity_poly.entity_id   1
_entity_poly.type   'polypeptide(L)'
_entity_poly.pdbx_seq_one_letter_code
;MVGNPMWERDKIIVLGHRGYMAKYPENSLLSIRKAIEAGADGVEIDVWLSKDNKVILMHAETIDRTSNLKGRQKEMTLEE
LKKANIGMGERIPTLEEVFEILPKDALLNIEIKDRDAAKEVARIVSENNPERVMISSFDIEALREYRKYDDTTIMGLLVD
KEETVPLIPKLKEKLNLWSVNVPMEAIPIIGFEKTYQAIKWVRSLGLKIVLWTEDDKLFYVDENLKRLLGMFEVVIANDV
ERMVSYLSSLGIRLE
;
_entity_poly.pdbx_strand_id   A
#
# COMPACT_ATOMS: atom_id res chain seq x y z
N GLY A 3 -13.52 0.45 16.18
CA GLY A 3 -13.07 -0.85 15.76
C GLY A 3 -11.57 -1.02 15.93
N ASN A 4 -10.80 -0.59 14.92
CA ASN A 4 -9.34 -0.72 14.92
C ASN A 4 -8.74 0.65 15.15
N PRO A 5 -8.20 0.95 16.34
CA PRO A 5 -7.68 2.30 16.59
C PRO A 5 -6.40 2.64 15.83
N MET A 6 -5.73 1.67 15.21
CA MET A 6 -4.51 1.98 14.48
C MET A 6 -4.78 2.62 13.13
N TRP A 7 -5.87 2.22 12.47
CA TRP A 7 -6.25 2.75 11.16
C TRP A 7 -7.39 3.74 11.23
N GLU A 8 -8.23 3.65 12.27
CA GLU A 8 -9.34 4.55 12.48
C GLU A 8 -8.85 5.63 13.43
N ARG A 9 -8.42 6.73 12.85
CA ARG A 9 -7.90 7.87 13.60
C ARG A 9 -8.68 9.09 13.17
N ASP A 10 -8.53 10.16 13.93
CA ASP A 10 -8.94 11.47 13.48
C ASP A 10 -7.86 12.15 12.65
N LYS A 11 -6.60 11.70 12.75
CA LYS A 11 -5.53 12.28 11.94
C LYS A 11 -5.38 11.53 10.61
N ILE A 12 -5.07 12.29 9.57
CA ILE A 12 -4.75 11.70 8.28
C ILE A 12 -3.50 10.83 8.36
N ILE A 13 -3.60 9.63 7.82
CA ILE A 13 -2.50 8.68 7.77
C ILE A 13 -1.70 8.91 6.49
N VAL A 14 -0.38 9.02 6.63
CA VAL A 14 0.52 9.15 5.50
C VAL A 14 1.38 7.90 5.47
N LEU A 15 1.34 7.16 4.37
CA LEU A 15 2.23 6.04 4.11
C LEU A 15 3.16 6.38 2.95
N GLY A 16 4.38 5.86 3.02
CA GLY A 16 5.31 5.95 1.89
C GLY A 16 5.11 4.82 0.89
N HIS A 17 5.05 5.19 -0.39
CA HIS A 17 4.75 4.29 -1.47
C HIS A 17 6.00 3.48 -1.79
N ARG A 18 5.90 2.16 -1.66
CA ARG A 18 7.08 1.29 -1.76
C ARG A 18 8.19 1.72 -0.81
N GLY A 19 7.80 2.11 0.40
CA GLY A 19 8.78 2.69 1.32
C GLY A 19 8.85 4.20 1.12
N TYR A 20 9.64 4.68 0.14
CA TYR A 20 9.83 6.12 -0.09
C TYR A 20 10.41 6.29 -1.49
N MET A 21 9.65 5.96 -2.53
CA MET A 21 10.28 5.69 -3.81
C MET A 21 10.64 6.94 -4.58
N ALA A 22 10.20 8.13 -4.13
CA ALA A 22 10.66 9.38 -4.75
C ALA A 22 12.15 9.64 -4.48
N LYS A 23 12.69 9.14 -3.36
CA LYS A 23 14.04 9.50 -2.93
C LYS A 23 14.98 8.33 -2.65
N TYR A 24 14.45 7.11 -2.42
CA TYR A 24 15.27 5.95 -2.07
C TYR A 24 14.82 4.75 -2.88
N PRO A 25 15.61 3.68 -2.93
CA PRO A 25 15.27 2.54 -3.78
C PRO A 25 13.94 1.94 -3.36
N GLU A 26 13.11 1.63 -4.35
CA GLU A 26 11.77 1.17 -4.01
C GLU A 26 11.80 -0.22 -3.37
N ASN A 27 10.86 -0.43 -2.45
CA ASN A 27 10.68 -1.72 -1.80
C ASN A 27 12.00 -2.19 -1.18
N SER A 28 12.71 -1.26 -0.52
CA SER A 28 13.96 -1.57 0.16
C SER A 28 13.85 -1.21 1.64
N LEU A 29 14.71 -1.86 2.44
CA LEU A 29 14.70 -1.61 3.87
C LEU A 29 15.15 -0.20 4.19
N LEU A 30 16.06 0.35 3.39
CA LEU A 30 16.53 1.72 3.58
C LEU A 30 15.39 2.71 3.41
N SER A 31 14.65 2.59 2.30
CA SER A 31 13.55 3.52 2.07
C SER A 31 12.53 3.48 3.21
N ILE A 32 12.32 2.29 3.80
CA ILE A 32 11.33 2.18 4.87
C ILE A 32 11.75 3.00 6.08
N ARG A 33 12.99 2.78 6.58
CA ARG A 33 13.44 3.56 7.72
C ARG A 33 13.35 5.04 7.41
N LYS A 34 13.87 5.43 6.25
CA LYS A 34 13.83 6.84 5.85
C LYS A 34 12.40 7.41 5.87
N ALA A 35 11.42 6.61 5.44
CA ALA A 35 10.04 7.09 5.44
C ALA A 35 9.59 7.43 6.86
N ILE A 36 9.76 6.47 7.77
CA ILE A 36 9.38 6.69 9.17
C ILE A 36 10.08 7.94 9.73
N GLU A 37 11.38 8.11 9.45
CA GLU A 37 12.08 9.26 10.01
C GLU A 37 11.57 10.58 9.43
N ALA A 38 11.07 10.57 8.18
CA ALA A 38 10.45 11.76 7.57
C ALA A 38 9.04 12.04 8.05
N GLY A 39 8.53 11.25 9.00
CA GLY A 39 7.21 11.51 9.54
C GLY A 39 6.07 10.69 8.97
N ALA A 40 6.33 9.70 8.11
CA ALA A 40 5.27 8.80 7.69
C ALA A 40 4.74 7.98 8.86
N ASP A 41 3.45 7.70 8.84
CA ASP A 41 2.86 6.77 9.77
C ASP A 41 3.29 5.36 9.48
N GLY A 42 3.88 5.12 8.31
CA GLY A 42 4.14 3.77 7.87
C GLY A 42 4.40 3.75 6.39
N VAL A 43 4.35 2.54 5.83
CA VAL A 43 4.75 2.30 4.46
C VAL A 43 3.83 1.31 3.79
N GLU A 44 3.71 1.41 2.46
CA GLU A 44 3.12 0.39 1.61
C GLU A 44 4.28 -0.34 0.93
N ILE A 45 4.18 -1.68 0.84
CA ILE A 45 5.14 -2.54 0.14
C ILE A 45 4.38 -3.52 -0.76
N ASP A 46 5.05 -3.97 -1.83
CA ASP A 46 4.54 -5.01 -2.74
C ASP A 46 5.21 -6.34 -2.44
N VAL A 47 4.42 -7.41 -2.31
CA VAL A 47 4.99 -8.72 -2.00
C VAL A 47 4.58 -9.78 -3.00
N TRP A 48 5.52 -10.69 -3.23
CA TRP A 48 5.35 -11.90 -4.01
C TRP A 48 5.89 -13.07 -3.20
N LEU A 49 5.63 -14.28 -3.68
CA LEU A 49 6.12 -15.51 -3.08
C LEU A 49 7.22 -16.08 -3.98
N SER A 50 8.40 -16.30 -3.39
CA SER A 50 9.51 -16.92 -4.10
C SER A 50 9.27 -18.41 -4.31
N LYS A 51 10.00 -18.96 -5.28
CA LYS A 51 9.96 -20.39 -5.57
C LYS A 51 10.09 -21.24 -4.31
N ASP A 52 10.91 -20.82 -3.34
CA ASP A 52 11.09 -21.57 -2.10
C ASP A 52 10.25 -21.02 -0.95
N ASN A 53 9.13 -20.36 -1.26
CA ASN A 53 8.10 -20.12 -0.26
C ASN A 53 8.43 -19.01 0.72
N LYS A 54 9.21 -18.04 0.30
CA LYS A 54 9.52 -16.88 1.13
C LYS A 54 8.82 -15.64 0.56
N VAL A 55 8.23 -14.84 1.44
CA VAL A 55 7.52 -13.64 1.02
C VAL A 55 8.53 -12.52 0.84
N ILE A 56 8.70 -12.05 -0.41
CA ILE A 56 9.74 -11.10 -0.79
C ILE A 56 9.06 -9.85 -1.33
N LEU A 57 9.80 -8.75 -1.33
CA LEU A 57 9.27 -7.45 -1.73
C LEU A 57 9.74 -7.09 -3.13
N MET A 58 8.79 -6.82 -4.02
CA MET A 58 9.16 -6.47 -5.39
C MET A 58 7.90 -6.04 -6.11
N HIS A 59 7.99 -4.96 -6.90
CA HIS A 59 6.78 -4.45 -7.50
C HIS A 59 6.43 -5.23 -8.76
N ALA A 60 7.32 -5.20 -9.75
CA ALA A 60 7.13 -5.92 -10.99
C ALA A 60 7.14 -7.43 -10.76
N GLU A 61 6.70 -8.17 -11.78
CA GLU A 61 6.79 -9.63 -11.74
C GLU A 61 8.18 -10.16 -12.11
N THR A 62 9.10 -9.28 -12.51
CA THR A 62 10.50 -9.60 -12.68
C THR A 62 11.36 -8.55 -11.97
N ILE A 63 12.62 -8.93 -11.71
CA ILE A 63 13.58 -8.08 -11.02
C ILE A 63 14.43 -7.25 -11.97
N ASP A 64 14.09 -7.27 -13.27
CA ASP A 64 14.83 -6.56 -14.31
C ASP A 64 15.05 -5.10 -13.97
N ARG A 65 13.95 -4.41 -13.67
CA ARG A 65 13.89 -2.95 -13.72
C ARG A 65 14.48 -2.29 -12.49
N THR A 66 14.28 -2.88 -11.30
CA THR A 66 14.80 -2.31 -10.06
C THR A 66 16.13 -2.92 -9.60
N SER A 67 16.59 -4.00 -10.23
CA SER A 67 17.80 -4.68 -9.80
C SER A 67 18.73 -4.86 -11.00
N ASN A 68 19.98 -5.19 -10.69
CA ASN A 68 21.02 -5.41 -11.71
C ASN A 68 20.94 -6.79 -12.37
N LEU A 69 19.99 -7.64 -11.95
CA LEU A 69 19.82 -8.97 -12.50
C LEU A 69 18.50 -9.09 -13.26
N LYS A 70 18.25 -10.31 -13.75
CA LYS A 70 17.08 -10.67 -14.53
C LYS A 70 16.41 -11.87 -13.87
N GLY A 71 15.12 -12.05 -14.15
CA GLY A 71 14.42 -13.23 -13.65
C GLY A 71 13.07 -12.98 -13.03
N ARG A 72 12.18 -13.99 -13.03
CA ARG A 72 10.89 -13.91 -12.37
C ARG A 72 11.03 -14.45 -10.95
N GLN A 73 10.73 -13.61 -9.95
CA GLN A 73 11.01 -13.97 -8.55
C GLN A 73 10.15 -15.15 -8.08
N LYS A 74 8.98 -15.36 -8.67
CA LYS A 74 8.21 -16.54 -8.34
C LYS A 74 8.95 -17.82 -8.72
N GLU A 75 9.89 -17.75 -9.67
CA GLU A 75 10.64 -18.89 -10.16
C GLU A 75 12.04 -18.98 -9.55
N MET A 76 12.38 -18.09 -8.61
CA MET A 76 13.70 -18.02 -8.01
C MET A 76 13.62 -18.30 -6.51
N THR A 77 14.76 -18.61 -5.91
CA THR A 77 14.82 -18.83 -4.48
C THR A 77 15.37 -17.58 -3.80
N LEU A 78 15.31 -17.58 -2.47
CA LEU A 78 15.72 -16.42 -1.69
C LEU A 78 17.22 -16.16 -1.75
N GLU A 79 18.04 -17.21 -1.83
CA GLU A 79 19.48 -16.99 -1.96
C GLU A 79 19.81 -16.34 -3.31
N GLU A 80 19.16 -16.81 -4.38
CA GLU A 80 19.36 -16.19 -5.69
C GLU A 80 18.90 -14.73 -5.69
N LEU A 81 17.93 -14.37 -4.82
CA LEU A 81 17.36 -13.02 -4.82
C LEU A 81 18.12 -12.05 -3.92
N LYS A 82 18.57 -12.51 -2.74
CA LYS A 82 19.42 -11.70 -1.87
C LYS A 82 20.79 -11.42 -2.49
N LYS A 83 20.97 -11.86 -3.73
CA LYS A 83 22.14 -11.67 -4.56
C LYS A 83 22.00 -10.48 -5.49
N ALA A 84 20.81 -9.87 -5.56
CA ALA A 84 20.65 -8.68 -6.36
C ALA A 84 20.95 -7.41 -5.54
N ASN A 85 21.30 -6.34 -6.25
CA ASN A 85 21.35 -4.98 -5.72
C ASN A 85 20.15 -4.23 -6.31
N ILE A 86 19.32 -3.64 -5.44
CA ILE A 86 18.14 -2.91 -5.89
C ILE A 86 18.33 -1.40 -5.76
N GLY A 87 19.57 -0.96 -5.52
CA GLY A 87 19.86 0.47 -5.49
C GLY A 87 20.53 0.79 -4.17
N MET A 88 21.67 1.48 -4.25
CA MET A 88 22.37 1.93 -3.04
C MET A 88 22.82 0.77 -2.17
N GLY A 89 23.13 -0.36 -2.79
CA GLY A 89 23.57 -1.54 -2.07
C GLY A 89 22.48 -2.36 -1.39
N GLU A 90 21.24 -1.92 -1.45
CA GLU A 90 20.17 -2.65 -0.80
C GLU A 90 19.87 -3.97 -1.52
N ARG A 91 19.39 -4.92 -0.74
CA ARG A 91 19.01 -6.22 -1.27
C ARG A 91 17.49 -6.36 -1.18
N ILE A 92 16.96 -7.27 -2.00
CA ILE A 92 15.53 -7.60 -1.98
C ILE A 92 15.20 -8.05 -0.56
N PRO A 93 14.35 -7.34 0.16
CA PRO A 93 13.99 -7.78 1.50
C PRO A 93 12.86 -8.81 1.46
N THR A 94 12.74 -9.51 2.57
CA THR A 94 11.66 -10.42 2.88
C THR A 94 10.68 -9.71 3.80
N LEU A 95 9.47 -10.23 3.88
CA LEU A 95 8.49 -9.62 4.76
C LEU A 95 8.95 -9.71 6.22
N GLU A 96 9.59 -10.80 6.61
CA GLU A 96 10.04 -10.86 8.00
C GLU A 96 11.03 -9.74 8.32
N GLU A 97 11.99 -9.48 7.42
CA GLU A 97 12.95 -8.40 7.62
C GLU A 97 12.23 -7.04 7.73
N VAL A 98 11.13 -6.84 6.99
CA VAL A 98 10.43 -5.56 7.06
C VAL A 98 9.84 -5.37 8.46
N PHE A 99 9.22 -6.42 8.99
CA PHE A 99 8.65 -6.30 10.32
C PHE A 99 9.74 -6.13 11.40
N GLU A 100 10.97 -6.58 11.15
CA GLU A 100 12.04 -6.38 12.13
C GLU A 100 12.47 -4.93 12.17
N ILE A 101 12.56 -4.30 10.98
CA ILE A 101 13.01 -2.92 10.80
C ILE A 101 12.00 -1.92 11.29
N LEU A 102 10.72 -2.23 11.20
CA LEU A 102 9.71 -1.23 11.47
C LEU A 102 9.46 -1.10 12.97
N PRO A 103 9.15 0.10 13.44
CA PRO A 103 8.56 0.23 14.76
C PRO A 103 7.39 -0.73 14.91
N LYS A 104 7.22 -1.23 16.12
CA LYS A 104 6.17 -2.19 16.39
C LYS A 104 4.80 -1.54 16.29
N ASP A 105 4.72 -0.22 16.32
CA ASP A 105 3.46 0.50 16.19
C ASP A 105 3.28 1.10 14.79
N ALA A 106 4.26 0.96 13.90
CA ALA A 106 4.19 1.60 12.60
C ALA A 106 3.22 0.85 11.71
N LEU A 107 2.51 1.59 10.88
CA LEU A 107 1.56 0.98 9.96
C LEU A 107 2.27 0.32 8.77
N LEU A 108 1.72 -0.79 8.31
CA LEU A 108 2.24 -1.47 7.14
C LEU A 108 1.09 -1.86 6.22
N ASN A 109 1.10 -1.33 5.00
CA ASN A 109 0.09 -1.70 4.00
C ASN A 109 0.77 -2.69 3.07
N ILE A 110 0.40 -3.96 3.15
CA ILE A 110 1.01 -4.99 2.34
C ILE A 110 0.10 -5.14 1.13
N GLU A 111 0.62 -4.82 -0.05
CA GLU A 111 -0.04 -5.10 -1.32
C GLU A 111 0.42 -6.46 -1.81
N ILE A 112 -0.50 -7.42 -1.76
CA ILE A 112 -0.26 -8.77 -2.25
C ILE A 112 -0.38 -8.75 -3.76
N LYS A 113 0.74 -8.96 -4.45
CA LYS A 113 0.80 -9.02 -5.89
C LYS A 113 0.66 -10.44 -6.42
N ASP A 114 0.60 -11.42 -5.51
CA ASP A 114 0.74 -12.84 -5.84
C ASP A 114 -0.19 -13.62 -4.91
N ARG A 115 -1.30 -14.13 -5.47
CA ARG A 115 -2.30 -14.84 -4.67
C ARG A 115 -1.69 -16.04 -3.96
N ASP A 116 -0.63 -16.62 -4.52
CA ASP A 116 0.06 -17.72 -3.85
C ASP A 116 0.67 -17.32 -2.53
N ALA A 117 0.93 -16.02 -2.33
CA ALA A 117 1.57 -15.52 -1.13
C ALA A 117 0.61 -15.33 0.03
N ALA A 118 -0.68 -15.51 -0.21
CA ALA A 118 -1.66 -15.12 0.81
C ALA A 118 -1.46 -15.89 2.10
N LYS A 119 -1.25 -17.20 2.01
CA LYS A 119 -1.10 -18.04 3.20
C LYS A 119 0.10 -17.57 4.06
N GLU A 120 1.27 -17.49 3.45
CA GLU A 120 2.45 -17.09 4.21
C GLU A 120 2.28 -15.67 4.72
N VAL A 121 1.71 -14.76 3.91
CA VAL A 121 1.56 -13.39 4.41
C VAL A 121 0.69 -13.37 5.67
N ALA A 122 -0.41 -14.14 5.67
CA ALA A 122 -1.31 -14.14 6.83
C ALA A 122 -0.58 -14.67 8.06
N ARG A 123 0.23 -15.70 7.88
CA ARG A 123 0.96 -16.28 9.00
C ARG A 123 1.89 -15.26 9.61
N ILE A 124 2.86 -14.78 8.80
CA ILE A 124 3.82 -13.77 9.26
C ILE A 124 3.11 -12.62 9.95
N VAL A 125 1.96 -12.21 9.41
CA VAL A 125 1.26 -11.04 9.93
C VAL A 125 0.69 -11.33 11.32
N SER A 126 0.17 -12.54 11.53
CA SER A 126 -0.37 -12.92 12.84
C SER A 126 0.70 -12.89 13.94
N GLU A 127 1.97 -13.03 13.58
CA GLU A 127 3.08 -12.96 14.52
C GLU A 127 3.56 -11.56 14.76
N ASN A 128 3.11 -10.57 14.00
CA ASN A 128 3.76 -9.26 14.07
C ASN A 128 2.78 -8.14 14.28
N ASN A 129 1.81 -8.38 15.10
CA ASN A 129 0.88 -7.34 15.53
C ASN A 129 -0.02 -6.94 14.39
N PRO A 130 -1.07 -7.71 14.12
CA PRO A 130 -1.88 -7.48 12.93
C PRO A 130 -2.61 -6.17 12.96
N GLU A 131 -2.84 -5.58 14.14
CA GLU A 131 -3.70 -4.41 14.20
C GLU A 131 -3.18 -3.28 13.32
N ARG A 132 -1.89 -3.23 13.06
CA ARG A 132 -1.26 -2.15 12.33
C ARG A 132 -1.02 -2.50 10.87
N VAL A 133 -1.57 -3.62 10.42
CA VAL A 133 -1.41 -4.10 9.05
C VAL A 133 -2.68 -3.82 8.27
N MET A 134 -2.50 -3.43 7.01
CA MET A 134 -3.59 -3.39 6.05
C MET A 134 -3.16 -4.30 4.91
N ILE A 135 -4.05 -5.15 4.45
CA ILE A 135 -3.80 -5.99 3.29
C ILE A 135 -4.56 -5.37 2.13
N SER A 136 -3.92 -5.25 0.97
CA SER A 136 -4.63 -4.75 -0.19
C SER A 136 -4.16 -5.51 -1.42
N SER A 137 -4.91 -5.34 -2.52
CA SER A 137 -4.62 -6.03 -3.75
C SER A 137 -5.58 -5.54 -4.81
N PHE A 138 -5.10 -5.47 -6.05
CA PHE A 138 -5.98 -5.32 -7.19
C PHE A 138 -6.67 -6.62 -7.51
N ASP A 139 -6.10 -7.74 -7.03
CA ASP A 139 -6.55 -9.07 -7.41
C ASP A 139 -7.53 -9.57 -6.36
N ILE A 140 -8.80 -9.62 -6.73
CA ILE A 140 -9.85 -10.04 -5.81
C ILE A 140 -9.61 -11.45 -5.29
N GLU A 141 -9.15 -12.35 -6.16
CA GLU A 141 -8.89 -13.71 -5.71
C GLU A 141 -7.74 -13.75 -4.68
N ALA A 142 -6.82 -12.81 -4.75
CA ALA A 142 -5.80 -12.74 -3.69
C ALA A 142 -6.42 -12.31 -2.37
N LEU A 143 -7.33 -11.33 -2.42
CA LEU A 143 -8.05 -10.92 -1.21
C LEU A 143 -8.90 -12.06 -0.68
N ARG A 144 -9.51 -12.83 -1.58
CA ARG A 144 -10.36 -13.94 -1.18
C ARG A 144 -9.51 -15.02 -0.51
N GLU A 145 -8.41 -15.39 -1.13
CA GLU A 145 -7.51 -16.37 -0.54
C GLU A 145 -6.99 -15.89 0.81
N TYR A 146 -6.61 -14.61 0.92
CA TYR A 146 -6.16 -14.11 2.20
C TYR A 146 -7.25 -14.33 3.26
N ARG A 147 -8.50 -14.09 2.90
CA ARG A 147 -9.58 -14.18 3.88
C ARG A 147 -9.85 -15.60 4.35
N LYS A 148 -9.32 -16.63 3.67
CA LYS A 148 -9.42 -18.01 4.17
C LYS A 148 -8.59 -18.23 5.42
N TYR A 149 -7.54 -17.43 5.59
CA TYR A 149 -6.62 -17.56 6.71
C TYR A 149 -6.80 -16.49 7.78
N ASP A 150 -7.37 -15.36 7.44
CA ASP A 150 -7.37 -14.24 8.38
C ASP A 150 -8.52 -13.34 7.99
N ASP A 151 -9.52 -13.24 8.88
CA ASP A 151 -10.74 -12.53 8.58
C ASP A 151 -10.88 -11.25 9.37
N THR A 152 -9.89 -10.88 10.18
CA THR A 152 -9.92 -9.69 11.04
C THR A 152 -9.03 -8.55 10.56
N THR A 153 -7.92 -8.84 9.92
CA THR A 153 -7.01 -7.78 9.49
C THR A 153 -7.70 -6.84 8.50
N ILE A 154 -7.45 -5.54 8.69
CA ILE A 154 -7.92 -4.49 7.79
C ILE A 154 -7.52 -4.77 6.35
N MET A 155 -8.47 -4.57 5.44
CA MET A 155 -8.34 -4.95 4.03
C MET A 155 -8.87 -3.85 3.11
N GLY A 156 -8.09 -3.54 2.10
CA GLY A 156 -8.46 -2.52 1.13
C GLY A 156 -8.44 -3.11 -0.27
N LEU A 157 -9.45 -2.77 -1.06
CA LEU A 157 -9.50 -3.16 -2.47
C LEU A 157 -8.84 -2.05 -3.28
N LEU A 158 -7.81 -2.39 -4.02
CA LEU A 158 -7.26 -1.47 -5.00
C LEU A 158 -8.05 -1.55 -6.29
N VAL A 159 -8.35 -0.39 -6.86
CA VAL A 159 -9.18 -0.29 -8.04
C VAL A 159 -8.39 0.44 -9.13
N ASP A 160 -8.33 -0.16 -10.31
CA ASP A 160 -7.77 0.49 -11.49
C ASP A 160 -8.68 0.41 -12.70
N LYS A 161 -9.93 -0.03 -12.53
CA LYS A 161 -10.82 -0.19 -13.67
C LYS A 161 -12.19 0.33 -13.27
N GLU A 162 -12.80 1.05 -14.20
CA GLU A 162 -14.10 1.62 -13.91
C GLU A 162 -15.15 0.54 -13.61
N GLU A 163 -15.04 -0.63 -14.27
CA GLU A 163 -16.11 -1.61 -14.12
C GLU A 163 -16.07 -2.30 -12.76
N THR A 164 -15.02 -2.10 -11.96
CA THR A 164 -14.96 -2.69 -10.63
C THR A 164 -15.89 -1.94 -9.67
N VAL A 165 -16.13 -0.67 -9.93
CA VAL A 165 -16.78 0.18 -8.94
C VAL A 165 -18.19 -0.31 -8.62
N PRO A 166 -19.10 -0.51 -9.56
CA PRO A 166 -20.42 -1.05 -9.19
C PRO A 166 -20.32 -2.35 -8.37
N LEU A 167 -19.22 -3.09 -8.45
CA LEU A 167 -19.13 -4.36 -7.71
C LEU A 167 -18.75 -4.19 -6.24
N ILE A 168 -18.49 -2.96 -5.80
CA ILE A 168 -17.92 -2.76 -4.48
C ILE A 168 -18.86 -3.22 -3.38
N PRO A 169 -20.16 -2.89 -3.40
CA PRO A 169 -21.03 -3.39 -2.33
C PRO A 169 -20.91 -4.88 -2.11
N LYS A 170 -20.92 -5.68 -3.17
CA LYS A 170 -20.83 -7.13 -2.96
C LYS A 170 -19.41 -7.55 -2.56
N LEU A 171 -18.39 -6.95 -3.15
CA LEU A 171 -17.04 -7.27 -2.69
C LEU A 171 -16.87 -6.91 -1.22
N LYS A 172 -17.48 -5.79 -0.78
CA LYS A 172 -17.38 -5.40 0.63
C LYS A 172 -17.88 -6.52 1.52
N GLU A 173 -18.99 -7.18 1.12
CA GLU A 173 -19.56 -8.28 1.90
C GLU A 173 -18.77 -9.57 1.74
N LYS A 174 -18.39 -9.91 0.52
CA LYS A 174 -17.66 -11.14 0.37
C LYS A 174 -16.34 -11.10 1.11
N LEU A 175 -15.69 -9.94 1.19
CA LEU A 175 -14.29 -9.89 1.62
C LEU A 175 -14.11 -9.10 2.91
N ASN A 176 -15.19 -8.60 3.48
CA ASN A 176 -15.16 -7.73 4.67
C ASN A 176 -14.14 -6.59 4.50
N LEU A 177 -14.43 -5.73 3.53
CA LEU A 177 -13.51 -4.67 3.16
C LEU A 177 -13.57 -3.55 4.16
N TRP A 178 -12.41 -2.95 4.47
CA TRP A 178 -12.44 -1.72 5.23
C TRP A 178 -12.39 -0.48 4.35
N SER A 179 -11.60 -0.52 3.28
CA SER A 179 -11.39 0.66 2.45
C SER A 179 -11.37 0.26 0.97
N VAL A 180 -11.54 1.28 0.13
CA VAL A 180 -11.27 1.20 -1.29
C VAL A 180 -10.10 2.15 -1.57
N ASN A 181 -9.10 1.66 -2.30
CA ASN A 181 -7.82 2.36 -2.50
C ASN A 181 -7.81 2.90 -3.93
N VAL A 182 -7.86 4.21 -4.05
CA VAL A 182 -8.28 4.90 -5.28
C VAL A 182 -7.06 5.65 -5.82
N PRO A 183 -6.78 5.56 -7.12
CA PRO A 183 -5.65 6.32 -7.67
C PRO A 183 -6.07 7.73 -8.03
N MET A 184 -5.18 8.70 -7.73
CA MET A 184 -5.43 10.09 -8.15
C MET A 184 -5.58 10.19 -9.67
N GLU A 185 -4.96 9.28 -10.40
CA GLU A 185 -5.04 9.26 -11.85
C GLU A 185 -6.48 9.18 -12.32
N ALA A 186 -7.40 8.78 -11.45
CA ALA A 186 -8.78 8.72 -11.86
C ALA A 186 -9.33 10.09 -12.18
N ILE A 187 -8.79 11.15 -11.55
CA ILE A 187 -9.35 12.47 -11.74
C ILE A 187 -9.23 12.91 -13.20
N PRO A 188 -8.04 12.89 -13.78
CA PRO A 188 -7.93 13.24 -15.22
C PRO A 188 -8.63 12.25 -16.13
N ILE A 189 -8.51 10.96 -15.81
CA ILE A 189 -8.94 9.91 -16.73
C ILE A 189 -10.46 9.81 -16.80
N ILE A 190 -11.16 9.94 -15.68
CA ILE A 190 -12.61 9.87 -15.74
C ILE A 190 -13.27 11.19 -15.45
N GLY A 191 -12.55 12.12 -14.83
CA GLY A 191 -13.01 13.45 -14.53
C GLY A 191 -13.12 13.64 -13.06
N PHE A 192 -12.87 14.87 -12.61
CA PHE A 192 -12.87 15.12 -11.18
C PHE A 192 -14.25 14.85 -10.59
N GLU A 193 -15.28 15.38 -11.21
CA GLU A 193 -16.59 15.29 -10.57
C GLU A 193 -17.06 13.84 -10.49
N LYS A 194 -16.85 13.07 -11.56
CA LYS A 194 -17.20 11.65 -11.53
C LYS A 194 -16.41 10.93 -10.44
N THR A 195 -15.12 11.23 -10.31
CA THR A 195 -14.32 10.61 -9.28
C THR A 195 -14.87 10.97 -7.90
N TYR A 196 -15.12 12.25 -7.69
CA TYR A 196 -15.71 12.73 -6.45
C TYR A 196 -17.00 11.99 -6.11
N GLN A 197 -17.94 11.96 -7.04
CA GLN A 197 -19.22 11.30 -6.77
C GLN A 197 -19.00 9.84 -6.48
N ALA A 198 -18.04 9.20 -7.15
CA ALA A 198 -17.78 7.80 -6.90
C ALA A 198 -17.25 7.58 -5.48
N ILE A 199 -16.33 8.44 -5.04
CA ILE A 199 -15.80 8.31 -3.69
C ILE A 199 -16.91 8.54 -2.65
N LYS A 200 -17.69 9.60 -2.80
CA LYS A 200 -18.85 9.87 -1.96
C LYS A 200 -19.77 8.66 -1.86
N TRP A 201 -20.02 8.00 -3.00
CA TRP A 201 -20.88 6.82 -2.95
C TRP A 201 -20.24 5.68 -2.19
N VAL A 202 -18.95 5.43 -2.40
CA VAL A 202 -18.28 4.36 -1.67
C VAL A 202 -18.30 4.65 -0.18
N ARG A 203 -18.10 5.91 0.19
CA ARG A 203 -18.08 6.26 1.61
C ARG A 203 -19.45 6.07 2.25
N SER A 204 -20.52 6.39 1.50
CA SER A 204 -21.88 6.12 1.96
C SER A 204 -22.13 4.64 2.20
N LEU A 205 -21.33 3.76 1.60
CA LEU A 205 -21.45 2.36 1.96
C LEU A 205 -20.73 2.03 3.27
N GLY A 206 -20.12 3.01 3.94
CA GLY A 206 -19.39 2.72 5.16
C GLY A 206 -17.95 2.28 4.93
N LEU A 207 -17.39 2.57 3.77
CA LEU A 207 -16.02 2.23 3.42
C LEU A 207 -15.15 3.46 3.61
N LYS A 208 -13.93 3.26 4.10
CA LYS A 208 -12.93 4.33 4.12
C LYS A 208 -12.19 4.36 2.77
N ILE A 209 -11.33 5.36 2.60
CA ILE A 209 -10.72 5.69 1.31
C ILE A 209 -9.23 5.87 1.52
N VAL A 210 -8.44 5.16 0.72
CA VAL A 210 -6.99 5.31 0.63
C VAL A 210 -6.71 5.90 -0.74
N LEU A 211 -5.92 6.95 -0.80
CA LEU A 211 -5.59 7.60 -2.05
C LEU A 211 -4.12 7.32 -2.34
N TRP A 212 -3.84 6.91 -3.58
CA TRP A 212 -2.48 6.59 -4.02
C TRP A 212 -2.26 7.20 -5.40
N THR A 213 -1.04 7.16 -5.86
CA THR A 213 -0.78 7.64 -7.20
C THR A 213 0.61 7.22 -7.66
N GLU A 214 0.78 7.14 -8.97
CA GLU A 214 2.14 6.87 -9.49
C GLU A 214 2.95 8.15 -9.68
N ASP A 215 2.33 9.32 -9.48
CA ASP A 215 2.97 10.61 -9.77
C ASP A 215 2.44 11.56 -8.70
N ASP A 216 3.27 11.92 -7.72
CA ASP A 216 2.77 12.79 -6.63
C ASP A 216 2.30 14.16 -7.15
N LYS A 217 2.78 14.58 -8.33
CA LYS A 217 2.25 15.80 -8.93
C LYS A 217 0.72 15.78 -8.93
N LEU A 218 0.12 14.61 -9.16
CA LEU A 218 -1.35 14.56 -9.26
C LEU A 218 -2.05 14.84 -7.94
N PHE A 219 -1.32 14.84 -6.82
CA PHE A 219 -1.94 15.30 -5.57
C PHE A 219 -2.13 16.83 -5.52
N TYR A 220 -1.20 17.55 -6.14
CA TYR A 220 -1.02 18.99 -5.96
C TYR A 220 -1.60 19.80 -7.11
N VAL A 221 -1.49 19.31 -8.33
CA VAL A 221 -2.09 19.97 -9.48
C VAL A 221 -3.60 20.14 -9.28
N ASP A 222 -4.11 21.31 -9.69
CA ASP A 222 -5.54 21.65 -9.61
C ASP A 222 -6.11 21.44 -8.22
N GLU A 223 -5.23 21.56 -7.23
CA GLU A 223 -5.44 21.14 -5.84
C GLU A 223 -6.37 19.94 -5.70
N ASN A 224 -6.01 18.87 -6.42
CA ASN A 224 -6.85 17.67 -6.43
C ASN A 224 -7.07 17.13 -5.02
N LEU A 225 -5.98 16.93 -4.25
CA LEU A 225 -6.12 16.37 -2.90
C LEU A 225 -6.87 17.36 -2.00
N LYS A 226 -6.59 18.65 -2.13
CA LYS A 226 -7.26 19.60 -1.23
C LYS A 226 -8.79 19.52 -1.39
N ARG A 227 -9.27 19.41 -2.64
CA ARG A 227 -10.70 19.30 -2.93
C ARG A 227 -11.31 18.02 -2.41
N LEU A 228 -10.49 17.06 -2.03
CA LEU A 228 -11.00 15.82 -1.46
C LEU A 228 -10.87 15.78 0.05
N LEU A 229 -10.42 16.86 0.69
CA LEU A 229 -10.36 16.90 2.15
C LEU A 229 -11.68 16.41 2.76
N GLY A 230 -11.55 15.58 3.79
CA GLY A 230 -12.67 14.96 4.46
C GLY A 230 -13.17 13.70 3.82
N MET A 231 -12.62 13.30 2.68
CA MET A 231 -13.09 12.10 1.97
C MET A 231 -12.03 11.00 1.89
N PHE A 232 -10.95 11.16 2.63
CA PHE A 232 -9.93 10.14 2.66
C PHE A 232 -9.34 10.09 4.05
N GLU A 233 -8.94 8.88 4.43
CA GLU A 233 -8.27 8.57 5.67
C GLU A 233 -6.77 8.36 5.52
N VAL A 234 -6.34 7.91 4.33
CA VAL A 234 -4.96 7.48 4.09
C VAL A 234 -4.50 8.01 2.74
N VAL A 235 -3.27 8.51 2.68
CA VAL A 235 -2.63 8.88 1.43
C VAL A 235 -1.30 8.18 1.36
N ILE A 236 -1.00 7.61 0.20
CA ILE A 236 0.20 6.86 -0.04
C ILE A 236 1.00 7.73 -0.98
N ALA A 237 2.12 8.24 -0.49
CA ALA A 237 2.85 9.30 -1.15
C ALA A 237 4.21 8.78 -1.57
N ASN A 238 4.62 9.09 -2.81
CA ASN A 238 5.97 8.79 -3.26
C ASN A 238 7.01 9.64 -2.54
N ASP A 239 6.65 10.89 -2.23
CA ASP A 239 7.55 11.84 -1.57
C ASP A 239 6.97 12.15 -0.18
N VAL A 240 7.45 11.43 0.84
CA VAL A 240 6.87 11.57 2.18
C VAL A 240 7.06 12.99 2.71
N GLU A 241 8.27 13.53 2.57
CA GLU A 241 8.57 14.83 3.15
C GLU A 241 7.64 15.89 2.57
N ARG A 242 7.49 15.89 1.26
CA ARG A 242 6.63 16.88 0.61
C ARG A 242 5.19 16.72 1.06
N MET A 243 4.72 15.48 1.23
CA MET A 243 3.33 15.30 1.64
C MET A 243 3.12 15.74 3.09
N VAL A 244 4.03 15.33 3.99
CA VAL A 244 3.92 15.72 5.40
C VAL A 244 3.91 17.25 5.54
N SER A 245 4.84 17.93 4.86
CA SER A 245 4.84 19.40 4.89
C SER A 245 3.53 19.96 4.37
N TYR A 246 3.06 19.46 3.21
CA TYR A 246 1.84 19.98 2.61
C TYR A 246 0.66 19.86 3.59
N LEU A 247 0.48 18.69 4.15
CA LEU A 247 -0.66 18.50 5.05
C LEU A 247 -0.52 19.35 6.29
N SER A 248 0.73 19.57 6.75
CA SER A 248 0.97 20.54 7.82
C SER A 248 0.55 21.95 7.39
N SER A 249 0.86 22.32 6.14
CA SER A 249 0.59 23.65 5.63
C SER A 249 -0.91 23.92 5.50
N LEU A 250 -1.70 22.88 5.25
CA LEU A 250 -3.15 23.01 5.30
C LEU A 250 -3.69 23.09 6.72
N GLY A 251 -2.85 22.89 7.74
CA GLY A 251 -3.29 22.90 9.12
C GLY A 251 -3.97 21.65 9.62
N ILE A 252 -4.02 20.57 8.83
CA ILE A 252 -4.83 19.41 9.19
C ILE A 252 -4.04 18.29 9.85
N ARG A 253 -2.72 18.21 9.60
CA ARG A 253 -1.88 17.16 10.19
C ARG A 253 -0.64 17.77 10.83
N LEU A 254 -0.46 17.50 12.12
CA LEU A 254 0.67 18.05 12.86
C LEU A 254 1.98 17.39 12.45
N GLU A 255 3.06 18.17 12.48
CA GLU A 255 4.45 17.75 12.23
C GLU A 255 4.77 17.70 10.73
#